data_6UVD
#
_entry.id   6UVD
#
_cell.length_a   97.149
_cell.length_b   97.149
_cell.length_c   74.235
_cell.angle_alpha   90.000
_cell.angle_beta   90.000
_cell.angle_gamma   120.000
#
_symmetry.space_group_name_H-M   'P 31 2 1'
#
loop_
_entity.id
_entity.type
_entity.pdbx_description
1 polymer 'Bcl-2-like protein 1'
2 non-polymer '(2R)-3-(Benzylsulfanyl)-2-({[(4-methylphenyl)methyl] [(4 phenylphenyl)carbonyl] carbamoyl}amino) propanoic acid'
3 non-polymer 'SULFATE ION'
4 non-polymer 1,2-ETHANEDIOL
5 water water
#
_entity_poly.entity_id   1
_entity_poly.type   'polypeptide(L)'
_entity_poly.pdbx_seq_one_letter_code
;GPLGSMSQSNRELVVDFLSYKLSQKGYSWSQMAAVKQALREAGDEFELRYRRAFSDLTSQLHITPGTAYQSFEQVVNELF
RDGVNWGRIVAFFSFGGALCVESVDKEMQVLVSRIAAWMATYLNDHLEPWIQENGGWDTFVELYGNNAAAESRKGQER
;
_entity_poly.pdbx_strand_id   A,B
#
loop_
_chem_comp.id
_chem_comp.type
_chem_comp.name
_chem_comp.formula
EDO non-polymer 1,2-ETHANEDIOL 'C2 H6 O2'
SO4 non-polymer 'SULFATE ION' 'O4 S -2'
XOU non-polymer '(2R)-3-(Benzylsulfanyl)-2-({[(4-methylphenyl)methyl] [(4 phenylphenyl)carbonyl] carbamoyl}amino) propanoic acid' 'C32 H30 N2 O4 S'
#
# COMPACT_ATOMS: atom_id res chain seq x y z
N PRO A 2 6.47 -1.88 22.28
CA PRO A 2 5.02 -2.10 22.22
C PRO A 2 4.66 -3.58 22.01
N LEU A 3 3.73 -4.08 22.82
CA LEU A 3 3.34 -5.49 22.72
C LEU A 3 2.71 -5.89 21.37
N GLY A 4 2.05 -4.97 20.68
CA GLY A 4 1.41 -5.23 19.39
C GLY A 4 2.28 -5.05 18.15
N SER A 5 3.55 -4.63 18.30
CA SER A 5 4.41 -4.36 17.14
C SER A 5 4.48 -5.51 16.13
N MET A 6 4.75 -6.72 16.62
CA MET A 6 4.89 -7.92 15.78
C MET A 6 3.58 -8.19 15.07
N SER A 7 2.43 -8.16 15.81
CA SER A 7 1.09 -8.40 15.22
C SER A 7 0.80 -7.38 14.11
N GLN A 8 1.07 -6.08 14.40
CA GLN A 8 0.86 -4.98 13.45
C GLN A 8 1.74 -5.16 12.22
N SER A 9 3.01 -5.55 12.40
CA SER A 9 3.98 -5.77 11.32
C SER A 9 3.57 -6.90 10.40
N ASN A 10 3.14 -8.02 11.00
CA ASN A 10 2.67 -9.19 10.26
C ASN A 10 1.37 -8.87 9.47
N ARG A 11 0.41 -8.16 10.08
CA ARG A 11 -0.82 -7.75 9.42
C ARG A 11 -0.52 -6.76 8.26
N GLU A 12 0.35 -5.77 8.52
CA GLU A 12 0.72 -4.77 7.52
C GLU A 12 1.33 -5.47 6.30
N LEU A 13 2.18 -6.48 6.52
CA LEU A 13 2.84 -7.20 5.45
C LEU A 13 1.88 -8.02 4.61
N VAL A 14 1.00 -8.81 5.28
CA VAL A 14 0.02 -9.64 4.58
C VAL A 14 -0.91 -8.75 3.72
N VAL A 15 -1.52 -7.72 4.36
CA VAL A 15 -2.46 -6.80 3.72
C VAL A 15 -1.78 -6.01 2.60
N ASP A 16 -0.56 -5.54 2.83
CA ASP A 16 0.14 -4.81 1.76
C ASP A 16 0.29 -5.73 0.54
N PHE A 17 0.78 -6.99 0.76
CA PHE A 17 1.00 -7.91 -0.35
C PHE A 17 -0.29 -8.26 -1.08
N LEU A 18 -1.35 -8.60 -0.32
CA LEU A 18 -2.64 -8.97 -0.91
C LEU A 18 -3.29 -7.79 -1.62
N SER A 19 -3.20 -6.57 -1.05
CA SER A 19 -3.77 -5.37 -1.70
C SER A 19 -3.11 -5.13 -3.04
N TYR A 20 -1.77 -5.31 -3.09
CA TYR A 20 -1.00 -5.12 -4.31
C TYR A 20 -1.42 -6.16 -5.37
N LYS A 21 -1.48 -7.44 -4.97
CA LYS A 21 -1.85 -8.51 -5.91
C LYS A 21 -3.28 -8.33 -6.42
N LEU A 22 -4.21 -7.89 -5.55
CA LEU A 22 -5.58 -7.64 -6.00
C LEU A 22 -5.62 -6.50 -7.00
N SER A 23 -4.85 -5.40 -6.70
CA SER A 23 -4.81 -4.20 -7.53
C SER A 23 -4.23 -4.49 -8.91
N GLN A 24 -3.28 -5.44 -9.02
CA GLN A 24 -2.71 -5.82 -10.30
C GLN A 24 -3.80 -6.44 -11.21
N LYS A 25 -4.87 -6.98 -10.63
CA LYS A 25 -5.96 -7.60 -11.38
C LYS A 25 -7.19 -6.68 -11.43
N GLY A 26 -7.00 -5.39 -11.12
CA GLY A 26 -8.09 -4.40 -11.12
C GLY A 26 -9.08 -4.58 -9.99
N TYR A 27 -8.71 -5.30 -8.93
CA TYR A 27 -9.57 -5.52 -7.77
C TYR A 27 -9.10 -4.65 -6.63
N SER A 28 -9.80 -4.73 -5.50
CA SER A 28 -9.39 -3.98 -4.35
C SER A 28 -9.58 -4.76 -3.08
N TRP A 29 -8.69 -4.51 -2.13
CA TRP A 29 -8.77 -5.05 -0.78
C TRP A 29 -10.05 -4.44 -0.13
N SER A 30 -10.30 -3.14 -0.35
CA SER A 30 -11.44 -2.40 0.17
C SER A 30 -11.70 -1.21 -0.72
N GLN A 31 -12.80 -0.47 -0.48
CA GLN A 31 -13.08 0.75 -1.23
C GLN A 31 -12.02 1.80 -0.92
N MET A 32 -11.56 1.87 0.33
CA MET A 32 -10.48 2.79 0.73
C MET A 32 -9.18 2.47 -0.01
N ALA A 33 -8.88 1.15 -0.14
CA ALA A 33 -7.72 0.68 -0.88
C ALA A 33 -7.81 1.15 -2.36
N ALA A 34 -9.01 1.14 -2.98
CA ALA A 34 -9.17 1.62 -4.35
C ALA A 34 -8.95 3.14 -4.44
N VAL A 35 -9.42 3.91 -3.44
CA VAL A 35 -9.21 5.37 -3.44
C VAL A 35 -7.71 5.66 -3.32
N LYS A 36 -7.04 4.99 -2.36
CA LYS A 36 -5.60 5.14 -2.11
C LYS A 36 -4.78 4.88 -3.35
N GLN A 37 -5.06 3.74 -4.01
CA GLN A 37 -4.35 3.32 -5.21
CA GLN A 37 -4.40 3.27 -5.24
C GLN A 37 -4.57 4.32 -6.34
N ALA A 38 -5.82 4.78 -6.55
CA ALA A 38 -6.12 5.77 -7.58
C ALA A 38 -5.37 7.07 -7.32
N LEU A 39 -5.28 7.47 -6.04
CA LEU A 39 -4.59 8.70 -5.64
C LEU A 39 -3.08 8.56 -5.80
N ARG A 40 -2.52 7.37 -5.51
CA ARG A 40 -1.06 7.12 -5.70
C ARG A 40 -0.70 7.30 -7.17
N GLU A 41 -1.49 6.66 -8.05
CA GLU A 41 -1.27 6.67 -9.48
C GLU A 41 -1.46 8.05 -10.03
N ALA A 42 -2.53 8.73 -9.61
CA ALA A 42 -2.84 10.10 -10.08
C ALA A 42 -1.70 11.07 -9.68
N GLY A 43 -1.18 10.91 -8.47
CA GLY A 43 -0.06 11.73 -7.99
C GLY A 43 1.18 11.46 -8.84
N ASP A 44 1.48 10.17 -9.14
CA ASP A 44 2.60 9.83 -10.00
C ASP A 44 2.42 10.44 -11.37
N GLU A 45 1.23 10.28 -11.98
CA GLU A 45 0.98 10.84 -13.31
C GLU A 45 1.13 12.37 -13.34
N PHE A 46 0.53 13.06 -12.36
CA PHE A 46 0.64 14.52 -12.30
C PHE A 46 2.12 14.93 -12.18
N GLU A 47 2.86 14.30 -11.28
CA GLU A 47 4.29 14.63 -11.05
C GLU A 47 5.15 14.38 -12.27
N LEU A 48 4.85 13.32 -13.03
CA LEU A 48 5.59 13.05 -14.26
C LEU A 48 5.32 14.10 -15.34
N ARG A 49 4.07 14.55 -15.44
CA ARG A 49 3.71 15.51 -16.49
C ARG A 49 4.06 16.98 -16.16
N TYR A 50 4.14 17.34 -14.86
CA TYR A 50 4.35 18.74 -14.45
C TYR A 50 5.57 19.00 -13.56
N ARG A 51 6.48 18.04 -13.41
CA ARG A 51 7.63 18.13 -12.50
C ARG A 51 8.30 19.52 -12.35
N ARG A 52 8.87 20.08 -13.42
CA ARG A 52 9.64 21.30 -13.32
C ARG A 52 8.76 22.48 -13.04
N ALA A 53 7.59 22.56 -13.73
CA ALA A 53 6.61 23.62 -13.51
C ALA A 53 6.10 23.55 -12.06
N PHE A 54 5.95 22.34 -11.51
CA PHE A 54 5.47 22.10 -10.14
C PHE A 54 6.41 22.64 -9.08
N SER A 55 7.73 22.67 -9.39
CA SER A 55 8.69 23.28 -8.48
C SER A 55 8.45 24.76 -8.36
N ASP A 56 7.77 25.43 -9.32
CA ASP A 56 7.43 26.83 -9.04
C ASP A 56 6.40 26.95 -7.89
N LEU A 57 5.61 25.91 -7.66
CA LEU A 57 4.68 25.94 -6.54
C LEU A 57 5.32 25.45 -5.26
N THR A 58 5.98 24.27 -5.30
CA THR A 58 6.61 23.72 -4.09
C THR A 58 7.66 24.65 -3.51
N SER A 59 8.40 25.39 -4.38
CA SER A 59 9.45 26.32 -3.95
C SER A 59 8.87 27.56 -3.24
N GLN A 60 7.52 27.80 -3.30
CA GLN A 60 6.88 28.94 -2.61
C GLN A 60 6.84 28.79 -1.10
N LEU A 61 7.07 27.57 -0.58
CA LEU A 61 7.07 27.39 0.86
C LEU A 61 8.49 27.02 1.35
N HIS A 62 9.09 27.92 2.16
CA HIS A 62 10.39 27.66 2.78
C HIS A 62 10.10 27.01 4.11
N ILE A 63 10.36 25.69 4.23
CA ILE A 63 10.06 24.91 5.43
C ILE A 63 11.20 24.95 6.43
N THR A 64 10.85 25.18 7.70
CA THR A 64 11.81 25.21 8.80
C THR A 64 11.14 24.46 9.98
N PRO A 65 11.83 24.17 11.12
CA PRO A 65 11.12 23.55 12.26
C PRO A 65 10.05 24.51 12.85
N GLY A 66 10.07 25.77 12.43
CA GLY A 66 9.11 26.76 12.89
C GLY A 66 7.87 26.96 12.03
N THR A 67 7.80 26.30 10.85
CA THR A 67 6.66 26.48 9.92
C THR A 67 5.34 26.00 10.50
N ALA A 68 4.29 26.86 10.41
CA ALA A 68 2.94 26.55 10.90
C ALA A 68 1.95 26.45 9.72
N TYR A 69 0.75 25.97 10.02
CA TYR A 69 -0.33 25.75 9.07
C TYR A 69 -0.60 26.92 8.12
N GLN A 70 -0.68 28.14 8.66
CA GLN A 70 -0.97 29.37 7.95
C GLN A 70 -0.16 29.55 6.68
N SER A 71 1.16 29.27 6.76
CA SER A 71 2.08 29.40 5.64
C SER A 71 1.77 28.34 4.58
N PHE A 72 1.47 27.11 5.00
CA PHE A 72 1.13 26.02 4.07
C PHE A 72 -0.20 26.34 3.34
N GLU A 73 -1.20 26.76 4.11
CA GLU A 73 -2.55 27.09 3.61
C GLU A 73 -2.48 28.19 2.54
N GLN A 74 -1.67 29.22 2.79
CA GLN A 74 -1.53 30.36 1.89
C GLN A 74 -1.00 29.92 0.50
N VAL A 75 0.02 29.05 0.48
CA VAL A 75 0.59 28.53 -0.76
C VAL A 75 -0.41 27.59 -1.45
N VAL A 76 -1.05 26.69 -0.70
CA VAL A 76 -2.04 25.75 -1.27
C VAL A 76 -3.23 26.47 -1.88
N ASN A 77 -3.65 27.61 -1.27
CA ASN A 77 -4.76 28.42 -1.80
C ASN A 77 -4.50 28.83 -3.27
N GLU A 78 -3.23 28.81 -3.73
CA GLU A 78 -2.82 29.12 -5.12
C GLU A 78 -3.46 28.11 -6.07
N LEU A 79 -3.56 26.86 -5.63
CA LEU A 79 -4.13 25.82 -6.50
C LEU A 79 -5.61 26.01 -6.67
N PHE A 80 -6.25 26.67 -5.70
CA PHE A 80 -7.69 26.72 -5.74
C PHE A 80 -8.30 28.09 -5.99
N ARG A 81 -7.48 29.06 -6.37
CA ARG A 81 -7.87 30.45 -6.67
C ARG A 81 -8.97 30.54 -7.74
N ASP A 82 -8.87 29.69 -8.79
CA ASP A 82 -9.87 29.64 -9.87
C ASP A 82 -10.93 28.52 -9.65
N GLY A 83 -10.97 27.94 -8.46
CA GLY A 83 -11.95 26.91 -8.12
C GLY A 83 -11.36 25.53 -7.84
N VAL A 84 -12.20 24.61 -7.39
CA VAL A 84 -11.80 23.24 -7.05
C VAL A 84 -12.20 22.27 -8.18
N ASN A 85 -11.32 21.31 -8.49
CA ASN A 85 -11.56 20.18 -9.38
C ASN A 85 -10.65 19.05 -8.94
N TRP A 86 -10.86 17.82 -9.46
CA TRP A 86 -10.08 16.66 -9.03
C TRP A 86 -8.60 16.80 -9.36
N GLY A 87 -8.29 17.47 -10.49
CA GLY A 87 -6.90 17.72 -10.89
C GLY A 87 -6.14 18.56 -9.87
N ARG A 88 -6.78 19.60 -9.37
CA ARG A 88 -6.24 20.53 -8.37
C ARG A 88 -6.08 19.83 -7.04
N ILE A 89 -7.03 18.92 -6.71
CA ILE A 89 -6.99 18.09 -5.50
C ILE A 89 -5.77 17.14 -5.54
N VAL A 90 -5.52 16.51 -6.70
CA VAL A 90 -4.34 15.63 -6.89
C VAL A 90 -3.06 16.45 -6.66
N ALA A 91 -2.95 17.63 -7.28
CA ALA A 91 -1.77 18.49 -7.15
C ALA A 91 -1.52 18.88 -5.68
N PHE A 92 -2.61 19.09 -4.91
CA PHE A 92 -2.54 19.41 -3.48
C PHE A 92 -1.85 18.23 -2.72
N PHE A 93 -2.22 17.00 -3.02
CA PHE A 93 -1.61 15.84 -2.38
C PHE A 93 -0.15 15.76 -2.78
N SER A 94 0.19 15.99 -4.09
CA SER A 94 1.56 15.97 -4.61
C SER A 94 2.40 17.07 -3.95
N PHE A 95 1.78 18.22 -3.68
CA PHE A 95 2.43 19.33 -2.97
C PHE A 95 2.86 18.89 -1.53
N GLY A 96 1.90 18.33 -0.79
CA GLY A 96 2.12 17.80 0.55
C GLY A 96 3.18 16.72 0.56
N GLY A 97 3.13 15.84 -0.45
CA GLY A 97 4.11 14.77 -0.61
C GLY A 97 5.52 15.29 -0.84
N ALA A 98 5.65 16.33 -1.67
CA ALA A 98 6.97 16.90 -1.99
C ALA A 98 7.56 17.59 -0.75
N LEU A 99 6.72 18.28 0.05
CA LEU A 99 7.17 18.96 1.27
C LEU A 99 7.65 17.94 2.33
N CYS A 100 6.94 16.82 2.41
CA CYS A 100 7.23 15.74 3.35
C CYS A 100 8.57 15.12 3.04
N VAL A 101 8.79 14.76 1.76
CA VAL A 101 10.05 14.21 1.30
C VAL A 101 11.19 15.21 1.59
N GLU A 102 10.99 16.50 1.22
CA GLU A 102 11.98 17.56 1.43
C GLU A 102 12.33 17.68 2.93
N SER A 103 11.31 17.60 3.82
CA SER A 103 11.52 17.69 5.27
C SER A 103 12.41 16.57 5.75
N VAL A 104 12.22 15.36 5.21
CA VAL A 104 13.08 14.23 5.59
C VAL A 104 14.47 14.39 5.01
N ASP A 105 14.58 14.86 3.73
CA ASP A 105 15.87 15.08 3.08
C ASP A 105 16.70 16.04 3.92
N LYS A 106 16.08 17.11 4.44
CA LYS A 106 16.77 18.19 5.16
C LYS A 106 16.84 17.97 6.66
N GLU A 107 16.60 16.73 7.12
CA GLU A 107 16.69 16.37 8.54
C GLU A 107 15.75 17.21 9.41
N MET A 108 14.52 17.42 8.95
CA MET A 108 13.47 18.14 9.70
C MET A 108 12.29 17.18 9.85
N GLN A 109 12.58 15.92 10.24
CA GLN A 109 11.60 14.84 10.35
C GLN A 109 10.40 15.20 11.20
N VAL A 110 10.53 16.24 12.06
CA VAL A 110 9.47 16.80 12.91
C VAL A 110 8.30 17.27 12.02
N LEU A 111 8.62 17.74 10.80
CA LEU A 111 7.62 18.29 9.88
C LEU A 111 6.74 17.22 9.23
N VAL A 112 7.16 15.92 9.19
CA VAL A 112 6.34 14.85 8.57
C VAL A 112 4.91 14.83 9.20
N SER A 113 4.84 14.77 10.52
CA SER A 113 3.61 14.77 11.34
C SER A 113 2.90 16.08 11.14
N ARG A 114 3.65 17.16 11.14
CA ARG A 114 3.09 18.50 10.96
C ARG A 114 2.40 18.67 9.58
N ILE A 115 3.08 18.23 8.52
CA ILE A 115 2.57 18.27 7.13
C ILE A 115 1.32 17.41 6.98
N ALA A 116 1.37 16.15 7.48
CA ALA A 116 0.23 15.25 7.46
C ALA A 116 -0.96 15.94 8.15
N ALA A 117 -0.72 16.63 9.28
CA ALA A 117 -1.81 17.32 10.00
C ALA A 117 -2.33 18.52 9.19
N TRP A 118 -1.44 19.28 8.53
CA TRP A 118 -1.85 20.40 7.68
C TRP A 118 -2.76 19.92 6.54
N MET A 119 -2.39 18.81 5.92
CA MET A 119 -3.16 18.25 4.81
C MET A 119 -4.58 17.84 5.21
N ALA A 120 -4.74 17.19 6.36
CA ALA A 120 -6.04 16.76 6.84
C ALA A 120 -6.91 17.99 7.18
N THR A 121 -6.33 19.02 7.83
CA THR A 121 -7.03 20.27 8.16
C THR A 121 -7.47 20.99 6.86
N TYR A 122 -6.54 21.12 5.89
CA TYR A 122 -6.89 21.81 4.63
C TYR A 122 -8.03 21.07 3.88
N LEU A 123 -7.92 19.77 3.77
CA LEU A 123 -8.95 18.90 3.18
C LEU A 123 -10.29 19.11 3.94
N ASN A 124 -10.32 18.96 5.28
CA ASN A 124 -11.58 19.11 6.02
C ASN A 124 -12.17 20.50 6.03
N ASP A 125 -11.33 21.57 6.03
CA ASP A 125 -11.85 22.95 6.04
C ASP A 125 -12.20 23.49 4.65
N HIS A 126 -11.39 23.20 3.64
CA HIS A 126 -11.56 23.82 2.33
C HIS A 126 -12.06 22.93 1.21
N LEU A 127 -11.77 21.60 1.27
CA LEU A 127 -12.08 20.73 0.12
C LEU A 127 -13.20 19.71 0.31
N GLU A 128 -13.36 19.21 1.55
CA GLU A 128 -14.41 18.24 1.90
C GLU A 128 -15.81 18.70 1.48
N PRO A 129 -16.25 19.97 1.65
CA PRO A 129 -17.61 20.31 1.17
C PRO A 129 -17.75 20.12 -0.35
N TRP A 130 -16.72 20.47 -1.17
CA TRP A 130 -16.74 20.30 -2.63
C TRP A 130 -16.73 18.80 -2.96
N ILE A 131 -15.84 18.02 -2.30
CA ILE A 131 -15.71 16.57 -2.52
C ILE A 131 -17.09 15.91 -2.36
N GLN A 132 -17.79 16.22 -1.26
CA GLN A 132 -19.11 15.64 -0.97
C GLN A 132 -20.18 16.07 -1.97
N GLU A 133 -20.14 17.34 -2.44
CA GLU A 133 -21.11 17.86 -3.42
C GLU A 133 -20.83 17.31 -4.82
N ASN A 134 -19.62 16.74 -5.05
CA ASN A 134 -19.20 16.24 -6.36
C ASN A 134 -19.03 14.71 -6.43
N GLY A 135 -19.81 13.98 -5.63
CA GLY A 135 -19.85 12.52 -5.67
C GLY A 135 -18.91 11.76 -4.75
N GLY A 136 -18.07 12.46 -4.00
CA GLY A 136 -17.14 11.85 -3.08
C GLY A 136 -15.95 11.18 -3.75
N TRP A 137 -15.12 10.54 -2.94
CA TRP A 137 -13.92 9.88 -3.44
C TRP A 137 -14.22 8.73 -4.43
N ASP A 138 -15.40 8.10 -4.31
CA ASP A 138 -15.82 7.02 -5.22
C ASP A 138 -15.91 7.53 -6.65
N THR A 139 -16.36 8.78 -6.85
CA THR A 139 -16.47 9.45 -8.14
C THR A 139 -15.11 9.75 -8.69
N PHE A 140 -14.20 10.24 -7.83
CA PHE A 140 -12.82 10.44 -8.25
C PHE A 140 -12.24 9.15 -8.90
N VAL A 141 -12.39 7.99 -8.23
CA VAL A 141 -11.89 6.68 -8.69
C VAL A 141 -12.49 6.34 -10.05
N GLU A 142 -13.81 6.54 -10.21
CA GLU A 142 -14.49 6.26 -11.48
C GLU A 142 -13.97 7.17 -12.58
N LEU A 143 -13.91 8.47 -12.33
CA LEU A 143 -13.44 9.43 -13.33
C LEU A 143 -11.99 9.19 -13.71
N TYR A 144 -11.12 8.97 -12.72
CA TYR A 144 -9.70 8.76 -12.99
C TYR A 144 -9.44 7.47 -13.78
N GLY A 145 -10.16 6.42 -13.44
CA GLY A 145 -10.01 5.13 -14.09
C GLY A 145 -10.78 5.00 -15.39
N ASN A 146 -11.76 5.90 -15.61
CA ASN A 146 -12.74 5.88 -16.74
C ASN A 146 -13.64 4.62 -16.74
N GLN B 8 -14.04 7.76 2.82
CA GLN B 8 -14.43 8.37 4.09
C GLN B 8 -13.28 9.12 4.80
N SER B 9 -12.23 8.41 5.29
CA SER B 9 -11.17 9.06 6.08
C SER B 9 -10.09 9.78 5.27
N ASN B 10 -10.09 11.12 5.34
N ASN B 10 -10.12 11.13 5.29
CA ASN B 10 -9.08 11.94 4.67
CA ASN B 10 -9.15 11.98 4.60
C ASN B 10 -7.69 11.74 5.31
C ASN B 10 -7.73 11.80 5.14
N ARG B 11 -7.65 11.46 6.62
N ARG B 11 -7.59 11.65 6.47
CA ARG B 11 -6.42 11.18 7.38
CA ARG B 11 -6.32 11.44 7.16
C ARG B 11 -5.72 9.94 6.74
C ARG B 11 -5.65 10.13 6.66
N GLU B 12 -6.50 8.86 6.53
N GLU B 12 -6.46 9.04 6.50
CA GLU B 12 -6.07 7.61 5.92
CA GLU B 12 -6.01 7.74 5.99
C GLU B 12 -5.45 7.87 4.54
C GLU B 12 -5.41 7.94 4.59
N LEU B 13 -6.09 8.71 3.72
CA LEU B 13 -5.62 9.06 2.37
C LEU B 13 -4.35 9.88 2.46
N VAL B 14 -4.27 10.85 3.40
CA VAL B 14 -3.06 11.67 3.56
C VAL B 14 -1.83 10.78 3.89
N VAL B 15 -1.97 9.94 4.94
CA VAL B 15 -0.90 9.02 5.42
C VAL B 15 -0.52 8.02 4.35
N ASP B 16 -1.53 7.45 3.65
CA ASP B 16 -1.19 6.52 2.58
C ASP B 16 -0.34 7.21 1.50
N PHE B 17 -0.76 8.41 1.06
CA PHE B 17 -0.06 9.16 0.01
C PHE B 17 1.35 9.54 0.44
N LEU B 18 1.49 10.08 1.65
CA LEU B 18 2.81 10.47 2.19
C LEU B 18 3.73 9.26 2.38
N SER B 19 3.20 8.14 2.90
CA SER B 19 4.00 6.90 3.05
C SER B 19 4.53 6.42 1.70
N TYR B 20 3.69 6.47 0.66
CA TYR B 20 4.05 6.06 -0.70
C TYR B 20 5.16 6.99 -1.26
N LYS B 21 4.96 8.31 -1.15
CA LYS B 21 5.94 9.27 -1.66
C LYS B 21 7.27 9.14 -0.92
N LEU B 22 7.24 8.89 0.39
CA LEU B 22 8.47 8.66 1.14
C LEU B 22 9.20 7.42 0.64
N SER B 23 8.43 6.32 0.45
CA SER B 23 8.94 5.01 0.00
C SER B 23 9.60 5.10 -1.37
N GLN B 24 9.08 5.95 -2.26
CA GLN B 24 9.67 6.16 -3.59
C GLN B 24 11.07 6.78 -3.50
N LYS B 25 11.38 7.46 -2.39
CA LYS B 25 12.70 8.06 -2.15
C LYS B 25 13.55 7.22 -1.16
N GLY B 26 13.15 5.96 -0.93
CA GLY B 26 13.83 5.04 -0.03
C GLY B 26 13.68 5.37 1.44
N TYR B 27 12.65 6.16 1.80
CA TYR B 27 12.36 6.54 3.18
C TYR B 27 11.23 5.68 3.71
N SER B 28 11.28 5.33 5.02
CA SER B 28 10.28 4.44 5.62
C SER B 28 9.29 5.13 6.59
N TRP B 29 8.02 5.31 6.16
CA TRP B 29 6.96 5.84 7.05
C TRP B 29 6.83 4.85 8.23
N SER B 30 6.71 3.55 7.91
CA SER B 30 6.66 2.51 8.94
C SER B 30 7.92 1.66 8.86
N GLN B 31 8.21 0.89 9.91
CA GLN B 31 9.32 -0.04 10.03
C GLN B 31 9.36 -1.09 8.88
N MET B 32 8.18 -1.51 8.36
CA MET B 32 8.05 -2.55 7.34
C MET B 32 8.15 -2.08 5.86
N ALA B 33 8.39 -0.78 5.57
CA ALA B 33 8.37 -0.26 4.19
C ALA B 33 9.34 -0.96 3.26
N ALA B 34 10.60 -1.16 3.69
CA ALA B 34 11.60 -1.85 2.86
C ALA B 34 11.25 -3.32 2.68
N VAL B 35 10.73 -3.96 3.73
CA VAL B 35 10.34 -5.38 3.71
C VAL B 35 9.18 -5.55 2.72
N LYS B 36 8.15 -4.69 2.83
CA LYS B 36 6.98 -4.70 1.94
C LYS B 36 7.37 -4.57 0.48
N GLN B 37 8.25 -3.59 0.18
CA GLN B 37 8.72 -3.35 -1.18
C GLN B 37 9.48 -4.54 -1.72
N ALA B 38 10.40 -5.09 -0.92
CA ALA B 38 11.16 -6.28 -1.32
C ALA B 38 10.24 -7.48 -1.57
N LEU B 39 9.25 -7.73 -0.69
N LEU B 39 9.20 -7.68 -0.74
CA LEU B 39 8.34 -8.87 -0.82
CA LEU B 39 8.25 -8.79 -0.92
C LEU B 39 7.42 -8.78 -2.05
C LEU B 39 7.38 -8.60 -2.18
N ARG B 40 6.81 -7.60 -2.30
N ARG B 40 6.91 -7.35 -2.44
CA ARG B 40 5.97 -7.35 -3.49
CA ARG B 40 6.16 -6.96 -3.64
C ARG B 40 6.78 -7.72 -4.75
C ARG B 40 6.98 -7.37 -4.88
N GLU B 41 7.98 -7.14 -4.88
N GLU B 41 8.26 -6.96 -4.92
CA GLU B 41 8.87 -7.33 -6.03
CA GLU B 41 9.19 -7.24 -6.02
C GLU B 41 9.37 -8.77 -6.15
C GLU B 41 9.50 -8.73 -6.16
N ALA B 42 9.74 -9.43 -5.03
CA ALA B 42 10.12 -10.86 -5.04
C ALA B 42 8.91 -11.73 -5.49
N GLY B 43 7.70 -11.34 -5.08
CA GLY B 43 6.46 -12.01 -5.47
C GLY B 43 6.26 -11.89 -6.97
N ASP B 44 6.43 -10.66 -7.51
CA ASP B 44 6.33 -10.46 -8.95
C ASP B 44 7.35 -11.31 -9.68
N GLU B 45 8.60 -11.34 -9.18
CA GLU B 45 9.68 -12.09 -9.83
C GLU B 45 9.43 -13.59 -9.81
N PHE B 46 9.00 -14.13 -8.69
CA PHE B 46 8.66 -15.55 -8.57
C PHE B 46 7.53 -15.89 -9.56
N GLU B 47 6.44 -15.08 -9.57
CA GLU B 47 5.30 -15.36 -10.45
C GLU B 47 5.67 -15.31 -11.92
N LEU B 48 6.57 -14.40 -12.31
CA LEU B 48 6.99 -14.24 -13.70
C LEU B 48 8.06 -15.23 -14.09
N ARG B 49 9.14 -15.34 -13.29
CA ARG B 49 10.30 -16.15 -13.64
C ARG B 49 10.07 -17.66 -13.47
N TYR B 50 9.24 -18.06 -12.51
N TYR B 50 9.27 -18.04 -12.48
CA TYR B 50 8.93 -19.46 -12.26
CA TYR B 50 8.93 -19.42 -12.14
C TYR B 50 7.44 -19.69 -12.41
C TYR B 50 7.42 -19.59 -12.16
N ARG B 51 6.93 -19.33 -13.62
N ARG B 51 6.79 -19.08 -13.26
CA ARG B 51 5.52 -19.36 -14.01
CA ARG B 51 5.33 -19.11 -13.45
C ARG B 51 4.89 -20.75 -13.93
C ARG B 51 4.75 -20.52 -13.41
N ARG B 52 5.69 -21.81 -14.05
N ARG B 52 5.49 -21.53 -13.91
CA ARG B 52 5.19 -23.18 -13.95
CA ARG B 52 5.03 -22.92 -13.89
C ARG B 52 4.96 -23.53 -12.49
C ARG B 52 4.90 -23.44 -12.46
N ALA B 53 5.93 -23.22 -11.61
CA ALA B 53 5.86 -23.58 -10.19
C ALA B 53 4.70 -22.81 -9.52
N PHE B 54 4.57 -21.50 -9.83
CA PHE B 54 3.49 -20.65 -9.32
C PHE B 54 2.10 -21.19 -9.63
N SER B 55 1.89 -21.58 -10.89
CA SER B 55 0.64 -22.14 -11.36
C SER B 55 0.33 -23.52 -10.73
N ASP B 56 1.38 -24.36 -10.60
CA ASP B 56 1.30 -25.68 -9.97
C ASP B 56 0.95 -25.52 -8.49
N LEU B 57 1.53 -24.52 -7.81
CA LEU B 57 1.25 -24.28 -6.41
C LEU B 57 -0.22 -23.86 -6.24
N THR B 58 -0.68 -22.90 -7.05
CA THR B 58 -2.01 -22.31 -6.95
C THR B 58 -3.12 -23.36 -7.14
N SER B 59 -2.95 -24.27 -8.11
CA SER B 59 -3.89 -25.32 -8.45
C SER B 59 -4.09 -26.39 -7.35
N GLN B 60 -3.22 -26.40 -6.31
CA GLN B 60 -3.31 -27.41 -5.22
C GLN B 60 -4.52 -27.22 -4.32
N LEU B 61 -5.05 -26.02 -4.26
CA LEU B 61 -6.19 -25.77 -3.38
C LEU B 61 -7.39 -25.32 -4.15
N HIS B 62 -8.46 -26.13 -4.09
CA HIS B 62 -9.74 -25.80 -4.69
C HIS B 62 -10.57 -25.07 -3.60
N ILE B 63 -10.73 -23.75 -3.75
CA ILE B 63 -11.44 -22.89 -2.79
C ILE B 63 -12.94 -22.85 -3.04
N THR B 64 -13.72 -23.00 -1.97
CA THR B 64 -15.17 -22.98 -2.01
C THR B 64 -15.64 -22.13 -0.82
N PRO B 65 -16.94 -21.75 -0.68
CA PRO B 65 -17.37 -21.02 0.52
C PRO B 65 -17.14 -21.82 1.82
N GLY B 66 -16.90 -23.12 1.68
CA GLY B 66 -16.69 -24.01 2.82
C GLY B 66 -15.26 -24.23 3.23
N THR B 67 -14.26 -23.72 2.47
CA THR B 67 -12.83 -23.92 2.80
C THR B 67 -12.41 -23.25 4.12
N ALA B 68 -11.78 -24.02 5.01
CA ALA B 68 -11.28 -23.57 6.31
C ALA B 68 -9.76 -23.63 6.33
N TYR B 69 -9.16 -23.10 7.40
CA TYR B 69 -7.71 -23.02 7.58
C TYR B 69 -6.97 -24.34 7.31
N GLN B 70 -7.49 -25.43 7.85
CA GLN B 70 -6.94 -26.78 7.77
C GLN B 70 -6.56 -27.19 6.34
N SER B 71 -7.42 -26.92 5.33
CA SER B 71 -7.12 -27.24 3.93
C SER B 71 -5.96 -26.36 3.43
N PHE B 72 -5.97 -25.06 3.76
CA PHE B 72 -4.89 -24.16 3.32
C PHE B 72 -3.56 -24.61 3.94
N GLU B 73 -3.56 -24.90 5.25
CA GLU B 73 -2.39 -25.33 6.01
C GLU B 73 -1.79 -26.63 5.43
N GLN B 74 -2.64 -27.58 5.05
CA GLN B 74 -2.22 -28.85 4.47
C GLN B 74 -1.43 -28.64 3.18
N VAL B 75 -1.91 -27.76 2.27
CA VAL B 75 -1.22 -27.44 1.02
C VAL B 75 0.08 -26.70 1.32
N VAL B 76 0.01 -25.67 2.20
CA VAL B 76 1.19 -24.87 2.52
C VAL B 76 2.30 -25.74 3.18
N ASN B 77 1.92 -26.72 4.02
CA ASN B 77 2.88 -27.66 4.64
C ASN B 77 3.69 -28.41 3.61
N GLU B 78 3.03 -28.80 2.50
CA GLU B 78 3.71 -29.51 1.40
C GLU B 78 4.76 -28.60 0.75
N LEU B 79 4.47 -27.29 0.63
CA LEU B 79 5.40 -26.28 0.12
C LEU B 79 6.69 -26.24 0.98
N PHE B 80 6.55 -26.35 2.34
CA PHE B 80 7.67 -26.35 3.31
C PHE B 80 8.06 -27.75 3.76
N ARG B 81 7.62 -28.80 3.01
CA ARG B 81 7.93 -30.21 3.31
C ARG B 81 9.45 -30.40 3.51
N ASP B 82 10.27 -29.86 2.59
CA ASP B 82 11.74 -29.97 2.65
C ASP B 82 12.41 -28.92 3.58
N GLY B 83 11.60 -28.12 4.29
CA GLY B 83 12.10 -27.12 5.22
C GLY B 83 11.78 -25.69 4.78
N VAL B 84 12.13 -24.72 5.61
CA VAL B 84 11.88 -23.33 5.34
C VAL B 84 13.13 -22.65 4.73
N ASN B 85 12.87 -21.75 3.76
CA ASN B 85 13.85 -20.88 3.10
C ASN B 85 13.10 -19.64 2.59
N TRP B 86 13.83 -18.59 2.23
CA TRP B 86 13.21 -17.33 1.78
C TRP B 86 12.37 -17.46 0.50
N GLY B 87 12.85 -18.26 -0.45
CA GLY B 87 12.16 -18.50 -1.72
C GLY B 87 10.77 -19.08 -1.53
N ARG B 88 10.66 -20.08 -0.62
CA ARG B 88 9.39 -20.73 -0.29
C ARG B 88 8.41 -19.77 0.40
N ILE B 89 8.95 -18.86 1.26
CA ILE B 89 8.17 -17.83 1.96
C ILE B 89 7.58 -16.89 0.92
N VAL B 90 8.40 -16.46 -0.05
CA VAL B 90 7.91 -15.63 -1.16
C VAL B 90 6.74 -16.36 -1.88
N ALA B 91 6.93 -17.63 -2.26
CA ALA B 91 5.91 -18.44 -2.92
C ALA B 91 4.64 -18.53 -2.08
N PHE B 92 4.78 -18.60 -0.73
CA PHE B 92 3.65 -18.68 0.20
C PHE B 92 2.80 -17.40 0.06
N PHE B 93 3.45 -16.22 0.00
CA PHE B 93 2.71 -14.97 -0.15
C PHE B 93 2.01 -14.93 -1.52
N SER B 94 2.73 -15.36 -2.59
CA SER B 94 2.18 -15.41 -3.96
C SER B 94 0.99 -16.36 -4.04
N PHE B 95 1.06 -17.49 -3.30
CA PHE B 95 -0.03 -18.47 -3.20
C PHE B 95 -1.28 -17.80 -2.59
N GLY B 96 -1.13 -17.13 -1.46
CA GLY B 96 -2.21 -16.39 -0.81
C GLY B 96 -2.82 -15.31 -1.71
N GLY B 97 -1.94 -14.62 -2.45
CA GLY B 97 -2.36 -13.60 -3.43
C GLY B 97 -3.21 -14.18 -4.55
N ALA B 98 -2.78 -15.31 -5.09
CA ALA B 98 -3.47 -16.00 -6.19
C ALA B 98 -4.85 -16.51 -5.72
N LEU B 99 -4.97 -17.01 -4.47
CA LEU B 99 -6.25 -17.49 -3.94
C LEU B 99 -7.24 -16.35 -3.77
N CYS B 100 -6.73 -15.18 -3.35
CA CYS B 100 -7.53 -13.98 -3.16
C CYS B 100 -8.09 -13.50 -4.52
N VAL B 101 -7.24 -13.39 -5.54
CA VAL B 101 -7.67 -13.02 -6.91
C VAL B 101 -8.75 -14.03 -7.42
N GLU B 102 -8.47 -15.34 -7.28
CA GLU B 102 -9.42 -16.39 -7.70
C GLU B 102 -10.80 -16.25 -6.96
N SER B 103 -10.76 -15.92 -5.66
CA SER B 103 -11.97 -15.72 -4.86
C SER B 103 -12.80 -14.57 -5.43
N VAL B 104 -12.14 -13.50 -5.84
CA VAL B 104 -12.83 -12.36 -6.44
C VAL B 104 -13.35 -12.70 -7.84
N ASP B 105 -12.55 -13.44 -8.62
CA ASP B 105 -12.96 -13.88 -9.95
C ASP B 105 -14.27 -14.69 -9.87
N LYS B 106 -14.39 -15.57 -8.85
CA LYS B 106 -15.52 -16.48 -8.70
C LYS B 106 -16.67 -15.88 -7.85
N GLU B 107 -16.66 -14.53 -7.65
CA GLU B 107 -17.68 -13.80 -6.92
C GLU B 107 -17.81 -14.26 -5.47
N MET B 108 -16.67 -14.63 -4.86
N MET B 108 -16.65 -14.35 -4.80
CA MET B 108 -16.59 -15.12 -3.48
CA MET B 108 -16.51 -14.72 -3.38
C MET B 108 -15.68 -14.18 -2.67
C MET B 108 -15.52 -13.76 -2.67
N GLN B 109 -15.92 -12.86 -2.77
N GLN B 109 -15.66 -12.42 -2.87
CA GLN B 109 -15.16 -11.78 -2.09
CA GLN B 109 -14.81 -11.38 -2.25
C GLN B 109 -15.01 -11.99 -0.58
C GLN B 109 -14.69 -11.56 -0.72
N VAL B 110 -15.90 -12.81 0.01
N VAL B 110 -15.70 -12.17 -0.08
CA VAL B 110 -15.95 -13.20 1.42
CA VAL B 110 -15.74 -12.47 1.35
C VAL B 110 -14.66 -13.93 1.83
C VAL B 110 -14.56 -13.36 1.79
N LEU B 111 -14.06 -14.69 0.90
N LEU B 111 -14.16 -14.33 0.93
CA LEU B 111 -12.84 -15.46 1.16
CA LEU B 111 -13.06 -15.26 1.20
C LEU B 111 -11.59 -14.60 1.29
C LEU B 111 -11.70 -14.58 1.31
N VAL B 112 -11.57 -13.34 0.79
CA VAL B 112 -10.36 -12.49 0.86
C VAL B 112 -9.92 -12.29 2.34
N SER B 113 -10.86 -11.95 3.21
CA SER B 113 -10.57 -11.79 4.63
C SER B 113 -10.20 -13.14 5.26
N ARG B 114 -10.84 -14.24 4.82
CA ARG B 114 -10.53 -15.59 5.33
C ARG B 114 -9.08 -15.96 5.00
N ILE B 115 -8.67 -15.73 3.74
CA ILE B 115 -7.30 -16.03 3.23
C ILE B 115 -6.28 -15.20 3.97
N ALA B 116 -6.53 -13.88 4.11
CA ALA B 116 -5.64 -12.98 4.84
C ALA B 116 -5.45 -13.50 6.25
N ALA B 117 -6.53 -13.98 6.90
CA ALA B 117 -6.44 -14.49 8.27
C ALA B 117 -5.63 -15.82 8.29
N TRP B 118 -5.83 -16.71 7.30
CA TRP B 118 -5.05 -17.95 7.20
C TRP B 118 -3.56 -17.65 7.09
N MET B 119 -3.20 -16.66 6.26
CA MET B 119 -1.80 -16.30 6.03
C MET B 119 -1.10 -15.80 7.30
N ALA B 120 -1.79 -14.95 8.09
CA ALA B 120 -1.23 -14.41 9.34
C ALA B 120 -1.03 -15.55 10.35
N THR B 121 -1.99 -16.49 10.43
CA THR B 121 -1.91 -17.67 11.33
C THR B 121 -0.75 -18.56 10.91
N TYR B 122 -0.68 -18.93 9.61
CA TYR B 122 0.41 -19.79 9.16
C TYR B 122 1.79 -19.15 9.41
N LEU B 123 1.97 -17.86 9.08
CA LEU B 123 3.21 -17.11 9.30
C LEU B 123 3.57 -17.16 10.78
N ASN B 124 2.62 -16.81 11.65
CA ASN B 124 2.88 -16.83 13.08
C ASN B 124 3.20 -18.18 13.64
N ASP B 125 2.42 -19.20 13.23
CA ASP B 125 2.60 -20.53 13.82
C ASP B 125 3.79 -21.30 13.27
N HIS B 126 4.00 -21.23 11.93
CA HIS B 126 4.99 -22.07 11.28
C HIS B 126 6.25 -21.39 10.79
N LEU B 127 6.20 -20.09 10.44
CA LEU B 127 7.35 -19.45 9.77
C LEU B 127 8.13 -18.44 10.60
N GLU B 128 7.44 -17.67 11.45
CA GLU B 128 8.05 -16.66 12.31
C GLU B 128 9.21 -17.22 13.17
N PRO B 129 9.17 -18.42 13.78
CA PRO B 129 10.35 -18.90 14.53
C PRO B 129 11.60 -19.04 13.65
N TRP B 130 11.44 -19.54 12.39
CA TRP B 130 12.56 -19.70 11.44
C TRP B 130 13.06 -18.33 11.03
N ILE B 131 12.12 -17.40 10.68
CA ILE B 131 12.46 -16.03 10.25
C ILE B 131 13.36 -15.38 11.29
N GLN B 132 12.96 -15.44 12.58
CA GLN B 132 13.72 -14.84 13.68
C GLN B 132 15.08 -15.49 13.89
N GLU B 133 15.19 -16.83 13.72
CA GLU B 133 16.45 -17.56 13.86
C GLU B 133 17.39 -17.31 12.67
N ASN B 134 16.84 -16.79 11.54
CA ASN B 134 17.60 -16.56 10.30
C ASN B 134 17.80 -15.07 9.95
N GLY B 135 17.88 -14.22 10.98
CA GLY B 135 18.17 -12.79 10.84
C GLY B 135 17.01 -11.83 10.67
N GLY B 136 15.78 -12.32 10.78
CA GLY B 136 14.59 -11.51 10.61
C GLY B 136 14.35 -11.10 9.16
N TRP B 137 13.33 -10.27 8.93
CA TRP B 137 12.98 -9.73 7.62
C TRP B 137 14.05 -8.82 7.01
N ASP B 138 14.89 -8.17 7.86
CA ASP B 138 15.99 -7.31 7.40
C ASP B 138 17.00 -8.10 6.58
N THR B 139 17.22 -9.37 6.94
CA THR B 139 18.11 -10.30 6.23
C THR B 139 17.50 -10.63 4.84
N PHE B 140 16.16 -10.85 4.77
CA PHE B 140 15.45 -11.07 3.50
C PHE B 140 15.70 -9.88 2.57
N VAL B 141 15.58 -8.65 3.10
CA VAL B 141 15.80 -7.39 2.34
C VAL B 141 17.19 -7.39 1.71
N GLU B 142 18.19 -7.86 2.44
CA GLU B 142 19.57 -7.92 1.93
C GLU B 142 19.77 -8.98 0.85
N LEU B 143 19.05 -10.10 0.95
CA LEU B 143 19.10 -11.25 0.04
C LEU B 143 18.24 -11.14 -1.24
N TYR B 144 17.00 -10.61 -1.13
CA TYR B 144 16.03 -10.51 -2.22
C TYR B 144 15.69 -9.06 -2.66
N GLY B 145 16.23 -8.07 -1.96
CA GLY B 145 15.98 -6.66 -2.27
C GLY B 145 17.26 -5.89 -2.51
N1 XOU C . -4.49 19.13 -14.07
N2 XOU C . -6.70 19.54 -14.73
C1 XOU C . 0.22 23.82 -10.35
C2 XOU C . 1.34 24.54 -9.97
C3 XOU C . 2.51 24.45 -10.68
C4 XOU C . 2.59 23.58 -11.76
C5 XOU C . 1.48 22.83 -12.13
C6 XOU C . 0.27 22.95 -11.44
C7 XOU C . -0.93 22.19 -11.87
C8 XOU C . -1.91 21.81 -10.94
C9 XOU C . -3.06 21.16 -11.34
O1 XOU C . -5.59 20.39 -12.50
O2 XOU C . -5.42 18.01 -15.85
C10 XOU C . -3.29 20.87 -12.68
C11 XOU C . -2.32 21.25 -13.62
C12 XOU C . -1.16 21.88 -13.21
C13 XOU C . -4.54 20.14 -13.07
C14 XOU C . -3.27 18.31 -14.19
C15 XOU C . -3.47 16.86 -13.83
C16 XOU C . -3.77 16.48 -12.52
C17 XOU C . -3.81 15.14 -12.17
C18 XOU C . -3.55 14.14 -13.09
C19 XOU C . -3.55 12.68 -12.69
C20 XOU C . -3.28 14.52 -14.40
C21 XOU C . -3.24 15.85 -14.76
C22 XOU C . -5.57 18.83 -14.95
C23 XOU C . -8.06 19.24 -15.16
C24 XOU C . -8.71 20.44 -15.86
C25 XOU C . -8.88 18.99 -13.90
C26 XOU C . -8.44 16.17 -14.01
C27 XOU C . -8.71 14.86 -13.30
C28 XOU C . -10.01 14.34 -13.26
C29 XOU C . -10.28 13.20 -12.53
C30 XOU C . -9.27 12.55 -11.83
C31 XOU C . -7.98 13.05 -11.88
C32 XOU C . -7.70 14.19 -12.62
O3 XOU C . -9.70 20.22 -16.58
O4 XOU C . -8.27 21.59 -15.56
S1 XOU C . -9.75 17.41 -13.80
S SO4 D . 6.95 20.91 -17.14
O1 SO4 D . 7.70 22.13 -17.46
O2 SO4 D . 5.53 21.05 -17.58
O3 SO4 D . 6.99 20.68 -15.70
O4 SO4 D . 7.55 19.77 -17.84
S SO4 E . -0.83 -1.76 -9.85
O1 SO4 E . -0.93 -0.54 -10.66
O2 SO4 E . 0.23 -1.63 -8.85
O3 SO4 E . -0.55 -2.90 -10.73
O4 SO4 E . -2.09 -1.96 -9.17
S SO4 F . -10.39 -8.12 7.96
O1 SO4 F . -11.54 -8.15 7.08
O2 SO4 F . -10.01 -6.72 8.20
O3 SO4 F . -10.78 -8.84 9.19
O4 SO4 F . -9.23 -8.71 7.32
C1 EDO G . -10.80 25.80 -1.76
O1 EDO G . -12.05 26.37 -2.08
C2 EDO G . -9.91 26.92 -1.18
O2 EDO G . -10.58 27.37 -0.03
C1 EDO H . -16.09 24.82 5.55
O1 EDO H . -17.49 24.75 5.32
C2 EDO H . -15.65 26.21 6.09
O2 EDO H . -14.26 26.17 6.41
C1 EDO I . 13.32 17.58 13.36
O1 EDO I . 13.92 16.31 13.50
C2 EDO I . 14.38 18.74 13.31
O2 EDO I . 13.70 20.00 13.46
C1 EDO J . 7.52 14.94 -5.08
O1 EDO J . 7.56 13.92 -4.07
C2 EDO J . 7.99 14.47 -6.49
O2 EDO J . 7.93 15.58 -7.39
C1 EDO K . -7.08 13.16 -16.45
O1 EDO K . -6.21 12.29 -15.77
C2 EDO K . -8.47 12.46 -16.64
O2 EDO K . -9.46 13.48 -16.88
C1 EDO L . -10.66 25.35 -11.49
O1 EDO L . -11.79 24.57 -11.83
C2 EDO L . -9.75 25.60 -12.74
O2 EDO L . -10.47 26.34 -13.72
N1 XOU M . 7.05 -25.08 -6.16
N2 XOU M . 9.10 -25.74 -5.17
C1 XOU M . 12.58 -20.01 -6.46
C2 XOU M . 13.46 -18.94 -6.52
C3 XOU M . 13.16 -17.74 -5.89
C4 XOU M . 11.95 -17.61 -5.21
C5 XOU M . 11.07 -18.68 -5.15
C6 XOU M . 11.37 -19.91 -5.76
C7 XOU M . 10.44 -21.06 -5.66
C8 XOU M . 9.62 -21.22 -4.53
C9 XOU M . 8.61 -22.17 -4.51
O1 XOU M . 6.07 -23.22 -5.32
O2 XOU M . 8.01 -27.13 -6.60
C10 XOU M . 8.39 -23.00 -5.61
C11 XOU M . 9.27 -22.90 -6.70
C12 XOU M . 10.27 -21.95 -6.71
C13 XOU M . 7.09 -23.76 -5.66
C14 XOU M . 5.78 -25.52 -6.77
C15 XOU M . 4.93 -26.38 -5.85
C16 XOU M . 5.24 -26.54 -4.51
C17 XOU M . 4.42 -27.29 -3.67
C18 XOU M . 3.26 -27.89 -4.15
C19 XOU M . 2.42 -28.76 -3.26
C20 XOU M . 2.95 -27.70 -5.49
C21 XOU M . 3.77 -26.98 -6.33
C22 XOU M . 8.09 -26.06 -6.02
C23 XOU M . 10.18 -26.67 -4.87
C24 XOU M . 11.07 -26.15 -3.74
C25 XOU M . 11.04 -26.99 -6.10
C26 XOU M . 13.11 -25.08 -6.42
C27 XOU M . 13.87 -24.02 -7.17
C28 XOU M . 13.25 -23.30 -8.19
C29 XOU M . 13.91 -22.24 -8.80
C30 XOU M . 15.19 -21.89 -8.41
C31 XOU M . 15.82 -22.61 -7.42
C32 XOU M . 15.17 -23.69 -6.81
O3 XOU M . 10.84 -25.00 -3.29
O4 XOU M . 11.97 -26.92 -3.32
S1 XOU M . 11.53 -25.61 -7.16
C1 EDO N . 13.27 -22.37 -3.13
O1 EDO N . 13.06 -23.67 -2.64
C2 EDO N . 14.77 -22.20 -3.25
O2 EDO N . 15.01 -21.01 -3.93
C1 EDO O . 8.33 -28.28 -2.02
O1 EDO O . 7.47 -29.39 -1.75
C2 EDO O . 9.66 -28.44 -1.25
O2 EDO O . 9.43 -28.42 0.14
C1 EDO P . -18.28 -26.69 0.63
O1 EDO P . -17.60 -26.85 -0.60
C2 EDO P . -19.57 -25.91 0.37
O2 EDO P . -19.26 -24.67 -0.25
C1 EDO Q . 12.40 1.85 2.23
O1 EDO Q . 13.34 1.03 1.55
C2 EDO Q . 11.47 2.49 1.19
O2 EDO Q . 10.99 1.48 0.34
C1 EDO R . 16.94 -25.07 8.89
O1 EDO R . 15.57 -24.78 9.08
C2 EDO R . 17.72 -23.80 8.45
O2 EDO R . 17.36 -23.46 7.12
#